data_1PJN
#
_entry.id   1PJN
#
_cell.length_a   78.920
_cell.length_b   89.769
_cell.length_c   101.042
_cell.angle_alpha   90.00
_cell.angle_beta   90.00
_cell.angle_gamma   90.00
#
_symmetry.space_group_name_H-M   'P 21 21 21'
#
loop_
_entity.id
_entity.type
_entity.pdbx_description
1 polymer 'Histone-binding protein N1/N2'
2 polymer 'Importin alpha-2 subunit'
3 water water
#
loop_
_entity_poly.entity_id
_entity_poly.type
_entity_poly.pdbx_seq_one_letter_code
_entity_poly.pdbx_strand_id
1 'polypeptide(L)' RKKRKTEEESPLKDKAKKSKG A
2 'polypeptide(L)'
;NQGTVNWSVEDIVKGINSNNLESQLQATQAARKLLSREKQPPIDNIIRAGLIPKFVSFLGKTDCSPIQFESAWALTNIAS
GTSEQTKAVVDGGAIPAFISLLASPHAHISEQAVWALGNIAGDGSAFRDLVIKHGAIDPLLALLAVPDLSTLACGYLRNL
TWTLSNLCRNKNPAPPLDAVEQILPTLVRLLHHNDPEVLADSCWAISYLTDGPNERIEMVVKKGVVPQLVKLLGATELPI
VTPALRAIGNIVTGTDEQTQKVIDAGALAVFPSLLTNPKTNIQKEATWTMSNITAGRQDQIQQVVNHGLVPFLVGVLSKA
DFKTQKEAAWAITNYTSGGTVEQIVYLVHCGIIEPLMNLLSAKDTKIIQVILDAISNIFQAAEKLGETEKLSIMIEECGG
LDKIEALQRHENESVYKASLNLIEKYFSVEEEEDQNVVPETTSEGFAFQVQDGAPGTFNF
;
B
#
# COMPACT_ATOMS: atom_id res chain seq x y z
N ARG A 1 -5.81 21.79 -7.87
CA ARG A 1 -5.80 20.43 -7.25
C ARG A 1 -4.43 20.20 -6.71
N LYS A 2 -4.20 20.71 -5.50
CA LYS A 2 -2.93 20.59 -4.82
C LYS A 2 -2.51 19.15 -4.46
N LYS A 3 -3.39 18.44 -3.76
CA LYS A 3 -3.09 17.08 -3.32
C LYS A 3 -2.82 16.14 -4.48
N ARG A 4 -1.78 15.32 -4.38
CA ARG A 4 -1.49 14.35 -5.42
C ARG A 4 -1.68 12.92 -4.90
N LYS A 5 -2.74 12.24 -5.38
CA LYS A 5 -3.07 10.84 -5.02
C LYS A 5 -1.96 9.87 -5.38
N THR A 6 -2.15 8.59 -5.03
CA THR A 6 -1.16 7.54 -5.34
C THR A 6 -1.00 7.30 -6.85
N GLU A 7 0.20 6.79 -7.17
CA GLU A 7 0.75 6.37 -8.50
C GLU A 7 0.75 4.82 -8.39
N GLU A 8 1.85 4.26 -8.91
CA GLU A 8 2.29 2.83 -8.98
C GLU A 8 2.07 2.06 -7.67
N GLU A 9 1.64 2.80 -6.62
CA GLU A 9 1.42 2.22 -5.28
C GLU A 9 2.60 1.31 -4.95
N SER A 10 3.79 1.94 -4.85
CA SER A 10 4.96 0.84 -4.78
C SER A 10 5.55 0.44 -3.42
N PRO A 11 4.71 0.42 -2.33
CA PRO A 11 5.40 -0.04 -1.10
C PRO A 11 5.30 -1.46 -1.63
N LEU A 12 4.96 -1.41 -2.94
CA LEU A 12 4.65 -2.46 -3.90
C LEU A 12 3.28 -2.74 -3.31
N LYS A 13 3.08 -3.97 -2.87
CA LYS A 13 1.86 -4.29 -2.17
C LYS A 13 2.18 -5.69 -1.74
N ASP A 14 1.88 -5.98 -0.48
CA ASP A 14 2.13 -7.32 0.03
C ASP A 14 1.72 -8.34 -1.04
N LYS A 15 2.32 -9.53 -1.00
CA LYS A 15 1.96 -10.55 -1.98
C LYS A 15 0.44 -10.76 -1.87
N ALA A 16 -0.24 -10.74 -3.01
CA ALA A 16 -1.69 -10.93 -3.05
C ALA A 16 -2.04 -12.38 -2.71
N LYS A 17 -1.16 -13.32 -3.03
CA LYS A 17 -1.44 -14.72 -2.73
C LYS A 17 -0.27 -15.39 -2.02
N LYS A 18 -0.59 -16.48 -1.31
CA LYS A 18 0.40 -17.23 -0.56
C LYS A 18 0.19 -18.72 -0.78
N SER A 19 1.27 -19.42 -1.11
CA SER A 19 1.25 -20.86 -1.31
C SER A 19 1.64 -21.44 0.04
N LYS A 20 0.97 -22.50 0.48
CA LYS A 20 1.31 -23.11 1.77
C LYS A 20 2.39 -24.18 1.59
N GLY A 21 3.63 -23.80 1.90
CA GLY A 21 4.76 -24.71 1.76
C GLY A 21 4.75 -25.84 2.80
N GLY B 3 4.06 -43.58 1.40
CA GLY B 3 3.19 -43.98 0.26
C GLY B 3 2.28 -42.86 -0.21
N THR B 4 2.68 -41.62 0.05
CA THR B 4 1.92 -40.44 -0.34
C THR B 4 2.92 -39.34 -0.61
N VAL B 5 4.14 -39.77 -0.97
CA VAL B 5 5.25 -38.88 -1.27
C VAL B 5 5.64 -38.98 -2.74
N ASN B 6 5.67 -37.83 -3.41
CA ASN B 6 6.06 -37.74 -4.81
C ASN B 6 5.36 -38.73 -5.74
N TRP B 7 4.02 -38.74 -5.71
CA TRP B 7 3.21 -39.59 -6.57
C TRP B 7 3.16 -38.97 -7.94
N SER B 8 2.80 -39.77 -8.94
CA SER B 8 2.64 -39.27 -10.30
C SER B 8 1.18 -38.83 -10.38
N VAL B 9 0.91 -37.84 -11.22
CA VAL B 9 -0.45 -37.35 -11.37
C VAL B 9 -1.43 -38.48 -11.74
N GLU B 10 -0.95 -39.44 -12.53
CA GLU B 10 -1.84 -40.53 -12.92
C GLU B 10 -2.17 -41.43 -11.75
N ASP B 11 -1.23 -41.63 -10.84
CA ASP B 11 -1.50 -42.46 -9.67
C ASP B 11 -2.54 -41.72 -8.80
N ILE B 12 -2.34 -40.41 -8.64
CA ILE B 12 -3.27 -39.58 -7.86
C ILE B 12 -4.66 -39.68 -8.46
N VAL B 13 -4.74 -39.62 -9.78
CA VAL B 13 -6.03 -39.72 -10.46
C VAL B 13 -6.64 -41.10 -10.23
N LYS B 14 -5.77 -42.12 -10.26
CA LYS B 14 -6.19 -43.50 -10.07
C LYS B 14 -6.87 -43.66 -8.72
N GLY B 15 -6.25 -43.12 -7.66
CA GLY B 15 -6.80 -43.24 -6.32
C GLY B 15 -8.06 -42.43 -6.08
N ILE B 16 -8.07 -41.17 -6.50
CA ILE B 16 -9.22 -40.32 -6.31
C ILE B 16 -10.44 -40.88 -7.04
N ASN B 17 -10.20 -41.59 -8.13
CA ASN B 17 -11.31 -42.17 -8.90
C ASN B 17 -11.80 -43.52 -8.40
N SER B 18 -11.10 -44.11 -7.44
CA SER B 18 -11.51 -45.40 -6.90
C SER B 18 -12.76 -45.20 -6.06
N ASN B 19 -13.47 -46.27 -5.75
CA ASN B 19 -14.68 -46.15 -4.92
C ASN B 19 -14.32 -46.44 -3.45
N ASN B 20 -13.17 -45.92 -3.03
CA ASN B 20 -12.67 -46.15 -1.67
C ASN B 20 -12.27 -44.83 -1.00
N LEU B 21 -13.09 -44.36 -0.06
CA LEU B 21 -12.82 -43.10 0.62
C LEU B 21 -11.40 -43.01 1.17
N GLU B 22 -10.89 -44.10 1.74
CA GLU B 22 -9.53 -44.10 2.26
C GLU B 22 -8.51 -44.00 1.13
N SER B 23 -8.76 -44.68 0.01
CA SER B 23 -7.84 -44.60 -1.12
C SER B 23 -7.83 -43.16 -1.65
N GLN B 24 -9.00 -42.54 -1.67
CA GLN B 24 -9.12 -41.16 -2.15
C GLN B 24 -8.42 -40.20 -1.20
N LEU B 25 -8.43 -40.54 0.08
CA LEU B 25 -7.79 -39.71 1.09
C LEU B 25 -6.27 -39.71 0.89
N GLN B 26 -5.71 -40.90 0.67
CA GLN B 26 -4.26 -41.03 0.47
C GLN B 26 -3.89 -40.29 -0.81
N ALA B 27 -4.67 -40.50 -1.87
CA ALA B 27 -4.40 -39.85 -3.13
C ALA B 27 -4.54 -38.34 -3.00
N THR B 28 -5.52 -37.87 -2.24
CA THR B 28 -5.66 -36.43 -2.08
C THR B 28 -4.45 -35.86 -1.34
N GLN B 29 -4.02 -36.53 -0.28
CA GLN B 29 -2.85 -36.08 0.47
C GLN B 29 -1.61 -36.07 -0.43
N ALA B 30 -1.51 -37.06 -1.32
CA ALA B 30 -0.39 -37.12 -2.23
C ALA B 30 -0.43 -35.89 -3.15
N ALA B 31 -1.62 -35.52 -3.60
CA ALA B 31 -1.79 -34.36 -4.47
C ALA B 31 -1.34 -33.11 -3.74
N ARG B 32 -1.77 -32.99 -2.49
CA ARG B 32 -1.41 -31.84 -1.68
C ARG B 32 0.10 -31.70 -1.54
N LYS B 33 0.81 -32.82 -1.47
CA LYS B 33 2.26 -32.76 -1.31
C LYS B 33 2.99 -32.32 -2.58
N LEU B 34 2.44 -32.64 -3.74
CA LEU B 34 3.05 -32.20 -4.99
C LEU B 34 2.89 -30.69 -5.05
N LEU B 35 1.69 -30.23 -4.75
CA LEU B 35 1.37 -28.81 -4.79
C LEU B 35 2.04 -28.01 -3.69
N SER B 36 2.73 -28.70 -2.78
CA SER B 36 3.42 -28.07 -1.66
C SER B 36 4.95 -28.10 -1.80
N ARG B 37 5.44 -28.79 -2.83
CA ARG B 37 6.87 -28.90 -3.03
C ARG B 37 7.59 -27.60 -3.37
N GLU B 38 8.77 -27.47 -2.77
CA GLU B 38 9.65 -26.31 -2.90
C GLU B 38 9.48 -25.44 -4.15
N LYS B 39 9.48 -26.05 -5.32
CA LYS B 39 9.33 -25.27 -6.54
C LYS B 39 8.82 -26.03 -7.75
N GLN B 40 8.03 -25.34 -8.56
CA GLN B 40 7.44 -25.88 -9.77
C GLN B 40 6.28 -26.84 -9.52
N PRO B 41 5.39 -26.52 -8.57
CA PRO B 41 4.26 -27.40 -8.29
C PRO B 41 3.43 -27.58 -9.55
N PRO B 42 3.14 -28.83 -9.93
CA PRO B 42 2.36 -29.14 -11.12
C PRO B 42 0.89 -28.74 -11.03
N ILE B 43 0.65 -27.44 -10.92
CA ILE B 43 -0.72 -26.93 -10.82
C ILE B 43 -1.52 -27.18 -12.10
N ASP B 44 -0.94 -26.89 -13.25
CA ASP B 44 -1.65 -27.10 -14.51
C ASP B 44 -1.97 -28.58 -14.76
N ASN B 45 -1.01 -29.46 -14.49
CA ASN B 45 -1.24 -30.90 -14.69
C ASN B 45 -2.39 -31.42 -13.83
N ILE B 46 -2.48 -30.92 -12.60
CA ILE B 46 -3.53 -31.32 -11.70
C ILE B 46 -4.89 -30.82 -12.22
N ILE B 47 -4.91 -29.60 -12.72
CA ILE B 47 -6.15 -29.03 -13.25
C ILE B 47 -6.63 -29.82 -14.48
N ARG B 48 -5.73 -30.10 -15.41
CA ARG B 48 -6.10 -30.84 -16.62
C ARG B 48 -6.68 -32.21 -16.30
N ALA B 49 -6.09 -32.87 -15.31
CA ALA B 49 -6.54 -34.19 -14.89
C ALA B 49 -7.98 -34.14 -14.37
N GLY B 50 -8.54 -32.94 -14.28
CA GLY B 50 -9.91 -32.76 -13.81
C GLY B 50 -10.11 -33.05 -12.33
N LEU B 51 -9.11 -32.77 -11.51
CA LEU B 51 -9.21 -33.03 -10.09
C LEU B 51 -9.96 -32.01 -9.21
N ILE B 52 -10.03 -30.75 -9.65
CA ILE B 52 -10.69 -29.71 -8.88
C ILE B 52 -12.10 -30.03 -8.40
N PRO B 53 -12.97 -30.57 -9.27
CA PRO B 53 -14.34 -30.91 -8.87
C PRO B 53 -14.34 -31.98 -7.78
N LYS B 54 -13.43 -32.92 -7.87
CA LYS B 54 -13.34 -33.99 -6.87
C LYS B 54 -12.91 -33.36 -5.55
N PHE B 55 -11.90 -32.49 -5.61
CA PHE B 55 -11.40 -31.80 -4.43
C PHE B 55 -12.51 -30.97 -3.80
N VAL B 56 -13.19 -30.18 -4.61
CA VAL B 56 -14.27 -29.34 -4.09
C VAL B 56 -15.34 -30.20 -3.41
N SER B 57 -15.64 -31.35 -3.99
CA SER B 57 -16.66 -32.22 -3.41
C SER B 57 -16.17 -32.81 -2.09
N PHE B 58 -14.87 -33.07 -1.97
CA PHE B 58 -14.32 -33.63 -0.73
C PHE B 58 -14.44 -32.63 0.41
N LEU B 59 -14.48 -31.34 0.08
CA LEU B 59 -14.60 -30.30 1.09
C LEU B 59 -15.88 -30.50 1.91
N GLY B 60 -16.92 -31.00 1.26
CA GLY B 60 -18.18 -31.20 1.95
C GLY B 60 -18.33 -32.53 2.67
N LYS B 61 -17.23 -33.24 2.89
CA LYS B 61 -17.31 -34.53 3.57
C LYS B 61 -17.05 -34.37 5.06
N THR B 62 -18.10 -34.00 5.79
CA THR B 62 -18.02 -33.80 7.23
C THR B 62 -17.56 -35.08 7.94
N ASP B 63 -18.06 -36.22 7.47
CA ASP B 63 -17.74 -37.52 8.04
C ASP B 63 -16.25 -37.89 8.01
N CYS B 64 -15.50 -37.27 7.12
CA CYS B 64 -14.07 -37.53 6.98
C CYS B 64 -13.27 -36.22 6.96
N SER B 65 -13.14 -35.62 8.14
CA SER B 65 -12.42 -34.35 8.26
C SER B 65 -11.02 -34.33 7.66
N PRO B 66 -10.28 -35.45 7.73
CA PRO B 66 -8.94 -35.40 7.14
C PRO B 66 -8.93 -35.06 5.65
N ILE B 67 -9.86 -35.64 4.89
CA ILE B 67 -9.89 -35.37 3.46
C ILE B 67 -10.42 -33.95 3.18
N GLN B 68 -11.08 -33.36 4.18
CA GLN B 68 -11.57 -32.01 4.04
C GLN B 68 -10.37 -31.09 4.10
N PHE B 69 -9.44 -31.44 4.99
CA PHE B 69 -8.23 -30.67 5.20
C PHE B 69 -7.29 -30.75 4.01
N GLU B 70 -6.98 -31.96 3.59
CA GLU B 70 -6.08 -32.20 2.47
C GLU B 70 -6.57 -31.52 1.19
N SER B 71 -7.83 -31.72 0.83
CA SER B 71 -8.36 -31.11 -0.38
C SER B 71 -8.40 -29.60 -0.24
N ALA B 72 -8.58 -29.13 1.00
CA ALA B 72 -8.62 -27.70 1.28
C ALA B 72 -7.24 -27.11 1.03
N TRP B 73 -6.22 -27.88 1.41
CA TRP B 73 -4.85 -27.43 1.24
C TRP B 73 -4.48 -27.46 -0.25
N ALA B 74 -4.89 -28.52 -0.94
CA ALA B 74 -4.58 -28.64 -2.37
C ALA B 74 -5.25 -27.51 -3.14
N LEU B 75 -6.51 -27.24 -2.82
CA LEU B 75 -7.24 -26.18 -3.50
C LEU B 75 -6.65 -24.82 -3.17
N THR B 76 -6.08 -24.69 -1.98
CA THR B 76 -5.48 -23.45 -1.54
C THR B 76 -4.27 -23.11 -2.38
N ASN B 77 -3.43 -24.11 -2.64
CA ASN B 77 -2.22 -23.90 -3.42
C ASN B 77 -2.52 -23.69 -4.89
N ILE B 78 -3.58 -24.29 -5.39
CA ILE B 78 -3.94 -24.10 -6.79
C ILE B 78 -4.42 -22.65 -6.89
N ALA B 79 -5.20 -22.22 -5.90
CA ALA B 79 -5.74 -20.88 -5.85
C ALA B 79 -4.64 -19.83 -5.72
N SER B 80 -3.47 -20.25 -5.23
CA SER B 80 -2.36 -19.30 -5.05
C SER B 80 -1.62 -19.01 -6.33
N GLY B 81 -2.04 -19.65 -7.43
CA GLY B 81 -1.37 -19.45 -8.70
C GLY B 81 -1.79 -18.23 -9.49
N THR B 82 -1.86 -18.39 -10.81
CA THR B 82 -2.23 -17.31 -11.71
C THR B 82 -3.74 -17.05 -11.62
N SER B 83 -4.22 -16.05 -12.33
CA SER B 83 -5.65 -15.76 -12.33
C SER B 83 -6.42 -16.92 -12.96
N GLU B 84 -5.87 -17.50 -14.01
CA GLU B 84 -6.54 -18.61 -14.68
C GLU B 84 -6.63 -19.80 -13.70
N GLN B 85 -5.58 -20.02 -12.94
CA GLN B 85 -5.56 -21.12 -11.98
C GLN B 85 -6.55 -20.86 -10.85
N THR B 86 -6.58 -19.63 -10.32
CA THR B 86 -7.52 -19.29 -9.25
C THR B 86 -8.93 -19.44 -9.81
N LYS B 87 -9.12 -18.99 -11.04
CA LYS B 87 -10.41 -19.09 -11.68
C LYS B 87 -10.88 -20.55 -11.71
N ALA B 88 -9.97 -21.48 -11.99
CA ALA B 88 -10.32 -22.90 -12.05
C ALA B 88 -10.92 -23.36 -10.72
N VAL B 89 -10.37 -22.87 -9.62
CA VAL B 89 -10.86 -23.23 -8.30
C VAL B 89 -12.24 -22.65 -8.07
N VAL B 90 -12.41 -21.37 -8.39
CA VAL B 90 -13.71 -20.74 -8.24
C VAL B 90 -14.74 -21.45 -9.15
N ASP B 91 -14.38 -21.70 -10.40
CA ASP B 91 -15.27 -22.38 -11.34
C ASP B 91 -15.76 -23.73 -10.83
N GLY B 92 -14.98 -24.35 -9.95
CA GLY B 92 -15.35 -25.64 -9.41
C GLY B 92 -16.36 -25.56 -8.28
N GLY B 93 -16.73 -24.33 -7.89
CA GLY B 93 -17.70 -24.15 -6.83
C GLY B 93 -17.09 -24.17 -5.43
N ALA B 94 -15.80 -23.87 -5.34
CA ALA B 94 -15.11 -23.89 -4.05
C ALA B 94 -15.49 -22.77 -3.08
N ILE B 95 -15.88 -21.59 -3.59
CA ILE B 95 -16.22 -20.48 -2.70
C ILE B 95 -17.26 -20.82 -1.62
N PRO B 96 -18.44 -21.29 -2.01
CA PRO B 96 -19.39 -21.60 -0.93
C PRO B 96 -18.94 -22.78 -0.08
N ALA B 97 -18.28 -23.75 -0.70
CA ALA B 97 -17.80 -24.92 0.05
C ALA B 97 -16.83 -24.47 1.13
N PHE B 98 -15.93 -23.54 0.79
CA PHE B 98 -14.97 -23.01 1.75
C PHE B 98 -15.63 -22.19 2.86
N ILE B 99 -16.66 -21.43 2.51
CA ILE B 99 -17.34 -20.61 3.50
C ILE B 99 -18.05 -21.48 4.55
N SER B 100 -18.42 -22.69 4.15
CA SER B 100 -19.08 -23.62 5.05
C SER B 100 -18.04 -24.23 5.98
N LEU B 101 -16.79 -24.31 5.51
CA LEU B 101 -15.73 -24.87 6.32
C LEU B 101 -15.28 -23.93 7.43
N LEU B 102 -15.57 -22.64 7.28
CA LEU B 102 -15.18 -21.68 8.30
C LEU B 102 -15.77 -22.04 9.66
N ALA B 103 -16.90 -22.75 9.64
CA ALA B 103 -17.57 -23.12 10.89
C ALA B 103 -17.06 -24.45 11.47
N SER B 104 -16.13 -25.09 10.76
CA SER B 104 -15.61 -26.37 11.22
C SER B 104 -15.14 -26.41 12.68
N PRO B 105 -15.37 -27.54 13.36
CA PRO B 105 -14.98 -27.75 14.75
C PRO B 105 -13.47 -27.93 14.85
N HIS B 106 -12.84 -28.19 13.70
CA HIS B 106 -11.39 -28.39 13.60
C HIS B 106 -10.75 -27.09 13.18
N ALA B 107 -10.14 -26.41 14.14
CA ALA B 107 -9.49 -25.14 13.88
C ALA B 107 -8.58 -25.15 12.68
N HIS B 108 -7.85 -26.26 12.47
CA HIS B 108 -6.92 -26.31 11.35
C HIS B 108 -7.62 -26.42 9.99
N ILE B 109 -8.86 -26.90 9.97
CA ILE B 109 -9.59 -26.98 8.72
C ILE B 109 -10.17 -25.60 8.36
N SER B 110 -10.82 -24.94 9.30
CA SER B 110 -11.39 -23.62 9.01
C SER B 110 -10.27 -22.63 8.69
N GLU B 111 -9.09 -22.82 9.30
CA GLU B 111 -7.96 -21.93 9.01
C GLU B 111 -7.56 -22.12 7.53
N GLN B 112 -7.62 -23.36 7.06
CA GLN B 112 -7.30 -23.64 5.66
C GLN B 112 -8.31 -22.95 4.78
N ALA B 113 -9.57 -22.98 5.19
CA ALA B 113 -10.63 -22.33 4.44
C ALA B 113 -10.37 -20.83 4.42
N VAL B 114 -9.95 -20.29 5.56
CA VAL B 114 -9.65 -18.86 5.66
C VAL B 114 -8.52 -18.52 4.68
N TRP B 115 -7.53 -19.41 4.60
CA TRP B 115 -6.38 -19.20 3.72
C TRP B 115 -6.80 -19.21 2.24
N ALA B 116 -7.60 -20.21 1.86
CA ALA B 116 -8.05 -20.34 0.48
C ALA B 116 -8.88 -19.13 0.07
N LEU B 117 -9.83 -18.73 0.92
CA LEU B 117 -10.65 -17.57 0.62
C LEU B 117 -9.72 -16.36 0.49
N GLY B 118 -8.61 -16.37 1.21
CA GLY B 118 -7.66 -15.28 1.12
C GLY B 118 -7.10 -15.19 -0.29
N ASN B 119 -6.69 -16.32 -0.87
CA ASN B 119 -6.14 -16.35 -2.22
C ASN B 119 -7.17 -16.02 -3.29
N ILE B 120 -8.40 -16.44 -3.06
CA ILE B 120 -9.47 -16.18 -4.01
C ILE B 120 -9.76 -14.67 -4.06
N ALA B 121 -9.97 -14.06 -2.90
CA ALA B 121 -10.23 -12.63 -2.85
C ALA B 121 -9.01 -11.85 -3.34
N GLY B 122 -7.83 -12.35 -3.03
CA GLY B 122 -6.62 -11.67 -3.42
C GLY B 122 -6.39 -11.58 -4.92
N ASP B 123 -7.16 -12.34 -5.70
CA ASP B 123 -6.98 -12.30 -7.15
C ASP B 123 -7.34 -10.94 -7.73
N GLY B 124 -8.39 -10.32 -7.19
CA GLY B 124 -8.82 -9.03 -7.69
C GLY B 124 -10.22 -8.64 -7.26
N SER B 125 -10.67 -7.50 -7.78
CA SER B 125 -11.98 -6.95 -7.47
C SER B 125 -13.13 -7.92 -7.64
N ALA B 126 -13.20 -8.54 -8.81
CA ALA B 126 -14.28 -9.46 -9.14
C ALA B 126 -14.45 -10.61 -8.14
N PHE B 127 -13.41 -11.41 -7.95
CA PHE B 127 -13.51 -12.53 -7.01
C PHE B 127 -13.68 -12.06 -5.57
N ARG B 128 -13.07 -10.91 -5.27
CA ARG B 128 -13.17 -10.31 -3.94
C ARG B 128 -14.63 -10.07 -3.63
N ASP B 129 -15.32 -9.40 -4.56
CA ASP B 129 -16.74 -9.09 -4.39
C ASP B 129 -17.60 -10.34 -4.46
N LEU B 130 -17.15 -11.36 -5.19
CA LEU B 130 -17.92 -12.59 -5.28
C LEU B 130 -17.82 -13.31 -3.92
N VAL B 131 -16.63 -13.28 -3.32
CA VAL B 131 -16.48 -13.92 -2.02
C VAL B 131 -17.43 -13.24 -1.03
N ILE B 132 -17.48 -11.92 -1.08
CA ILE B 132 -18.34 -11.14 -0.19
C ILE B 132 -19.81 -11.46 -0.45
N LYS B 133 -20.19 -11.64 -1.72
CA LYS B 133 -21.59 -11.96 -2.03
C LYS B 133 -21.99 -13.34 -1.50
N HIS B 134 -21.06 -14.28 -1.46
CA HIS B 134 -21.38 -15.61 -0.94
C HIS B 134 -21.47 -15.57 0.59
N GLY B 135 -21.29 -14.39 1.17
CA GLY B 135 -21.41 -14.22 2.62
C GLY B 135 -20.24 -14.59 3.51
N ALA B 136 -19.01 -14.42 3.04
CA ALA B 136 -17.85 -14.80 3.84
C ALA B 136 -17.52 -13.88 5.03
N ILE B 137 -17.88 -12.61 4.95
CA ILE B 137 -17.54 -11.69 6.03
C ILE B 137 -18.03 -12.05 7.44
N ASP B 138 -19.29 -12.39 7.60
CA ASP B 138 -19.82 -12.75 8.92
C ASP B 138 -19.07 -13.90 9.59
N PRO B 139 -18.91 -15.05 8.89
CA PRO B 139 -18.21 -16.19 9.48
C PRO B 139 -16.76 -15.86 9.84
N LEU B 140 -16.09 -15.11 8.98
CA LEU B 140 -14.70 -14.71 9.23
C LEU B 140 -14.63 -13.87 10.51
N LEU B 141 -15.47 -12.83 10.57
CA LEU B 141 -15.49 -11.96 11.73
C LEU B 141 -15.90 -12.72 12.99
N ALA B 142 -16.78 -13.70 12.83
CA ALA B 142 -17.23 -14.47 13.99
C ALA B 142 -16.04 -15.23 14.56
N LEU B 143 -15.11 -15.62 13.70
CA LEU B 143 -13.92 -16.34 14.14
C LEU B 143 -13.07 -15.46 15.07
N LEU B 144 -13.24 -14.15 14.99
CA LEU B 144 -12.49 -13.22 15.83
C LEU B 144 -13.32 -12.64 16.98
N ALA B 145 -14.60 -13.00 17.04
CA ALA B 145 -15.46 -12.51 18.11
C ALA B 145 -15.11 -13.17 19.45
N VAL B 146 -13.95 -12.83 19.97
CA VAL B 146 -13.49 -13.38 21.25
C VAL B 146 -13.05 -12.23 22.15
N PRO B 147 -13.01 -12.48 23.47
CA PRO B 147 -12.60 -11.45 24.45
C PRO B 147 -11.16 -11.01 24.28
N ASP B 148 -10.26 -11.97 24.04
CA ASP B 148 -8.85 -11.65 23.90
C ASP B 148 -8.17 -12.36 22.73
N LEU B 149 -7.83 -11.59 21.71
CA LEU B 149 -7.17 -12.11 20.51
C LEU B 149 -5.97 -12.99 20.80
N SER B 150 -5.31 -12.76 21.94
CA SER B 150 -4.13 -13.52 22.31
C SER B 150 -4.38 -15.00 22.61
N THR B 151 -5.64 -15.38 22.84
CA THR B 151 -5.95 -16.77 23.13
C THR B 151 -6.00 -17.60 21.86
N LEU B 152 -6.06 -16.93 20.71
CA LEU B 152 -6.11 -17.60 19.42
C LEU B 152 -4.70 -17.98 19.02
N ALA B 153 -4.57 -19.08 18.28
CA ALA B 153 -3.26 -19.53 17.82
C ALA B 153 -2.63 -18.44 16.96
N CYS B 154 -1.34 -18.22 17.16
CA CYS B 154 -0.58 -17.23 16.42
C CYS B 154 -0.83 -17.26 14.90
N GLY B 155 -0.62 -18.42 14.28
CA GLY B 155 -0.81 -18.55 12.85
C GLY B 155 -2.23 -18.39 12.37
N TYR B 156 -3.19 -18.82 13.19
CA TYR B 156 -4.60 -18.72 12.84
C TYR B 156 -5.00 -17.25 12.73
N LEU B 157 -4.51 -16.43 13.65
CA LEU B 157 -4.81 -15.00 13.67
C LEU B 157 -4.15 -14.30 12.48
N ARG B 158 -2.90 -14.66 12.19
CA ARG B 158 -2.19 -14.06 11.06
C ARG B 158 -2.89 -14.34 9.73
N ASN B 159 -3.50 -15.51 9.61
CA ASN B 159 -4.21 -15.84 8.38
C ASN B 159 -5.51 -15.06 8.28
N LEU B 160 -6.26 -14.97 9.37
CA LEU B 160 -7.53 -14.23 9.36
C LEU B 160 -7.34 -12.78 8.98
N THR B 161 -6.36 -12.14 9.61
CA THR B 161 -6.04 -10.74 9.36
C THR B 161 -5.65 -10.54 7.90
N TRP B 162 -4.71 -11.36 7.44
CA TRP B 162 -4.25 -11.28 6.07
C TRP B 162 -5.43 -11.40 5.10
N THR B 163 -6.29 -12.40 5.32
CA THR B 163 -7.44 -12.61 4.46
C THR B 163 -8.38 -11.41 4.52
N LEU B 164 -8.55 -10.82 5.69
CA LEU B 164 -9.39 -9.64 5.79
C LEU B 164 -8.79 -8.48 5.00
N SER B 165 -7.46 -8.34 5.03
CA SER B 165 -6.80 -7.26 4.32
C SER B 165 -6.99 -7.40 2.80
N ASN B 166 -7.22 -8.62 2.34
CA ASN B 166 -7.46 -8.86 0.91
C ASN B 166 -8.90 -8.47 0.55
N LEU B 167 -9.81 -8.58 1.50
CA LEU B 167 -11.20 -8.21 1.23
C LEU B 167 -11.31 -6.69 1.19
N CYS B 168 -10.27 -6.02 1.69
CA CYS B 168 -10.22 -4.55 1.71
C CYS B 168 -9.39 -4.04 0.53
N ARG B 169 -8.72 -4.97 -0.15
CA ARG B 169 -7.84 -4.64 -1.25
C ARG B 169 -8.47 -4.45 -2.64
N ASN B 170 -7.74 -3.68 -3.47
CA ASN B 170 -8.12 -3.36 -4.86
C ASN B 170 -9.05 -2.17 -4.98
N LYS B 171 -8.93 -1.43 -6.07
CA LYS B 171 -9.71 -0.20 -6.28
C LYS B 171 -10.68 -0.08 -7.46
N ASN B 172 -10.57 -0.94 -8.48
CA ASN B 172 -11.48 -0.79 -9.60
C ASN B 172 -12.52 -1.91 -9.75
N PRO B 173 -13.62 -1.84 -8.99
CA PRO B 173 -13.97 -0.80 -8.02
C PRO B 173 -13.41 -1.10 -6.63
N ALA B 174 -13.68 -0.18 -5.70
CA ALA B 174 -13.24 -0.34 -4.32
C ALA B 174 -14.24 -1.30 -3.69
N PRO B 175 -13.86 -1.96 -2.60
CA PRO B 175 -14.78 -2.90 -1.95
C PRO B 175 -16.11 -2.19 -1.66
N PRO B 176 -17.19 -2.97 -1.46
CA PRO B 176 -18.50 -2.37 -1.17
C PRO B 176 -18.46 -1.59 0.14
N LEU B 177 -19.05 -0.40 0.15
CA LEU B 177 -19.08 0.45 1.35
C LEU B 177 -19.58 -0.27 2.59
N ASP B 178 -20.68 -0.99 2.44
CA ASP B 178 -21.25 -1.69 3.59
C ASP B 178 -20.34 -2.82 4.08
N ALA B 179 -19.54 -3.38 3.18
CA ALA B 179 -18.62 -4.45 3.56
C ALA B 179 -17.47 -3.83 4.36
N VAL B 180 -17.03 -2.65 3.96
CA VAL B 180 -15.95 -1.97 4.65
C VAL B 180 -16.39 -1.60 6.08
N GLU B 181 -17.60 -1.09 6.23
CA GLU B 181 -18.11 -0.71 7.56
C GLU B 181 -18.19 -1.93 8.47
N GLN B 182 -18.53 -3.07 7.88
CA GLN B 182 -18.67 -4.30 8.65
C GLN B 182 -17.33 -4.73 9.21
N ILE B 183 -16.33 -4.72 8.34
CA ILE B 183 -14.97 -5.13 8.65
C ILE B 183 -14.14 -4.18 9.53
N LEU B 184 -14.32 -2.88 9.36
CA LEU B 184 -13.54 -1.88 10.10
C LEU B 184 -13.40 -2.02 11.63
N PRO B 185 -14.51 -2.16 12.37
CA PRO B 185 -14.40 -2.30 13.82
C PRO B 185 -13.42 -3.40 14.24
N THR B 186 -13.47 -4.52 13.54
CA THR B 186 -12.57 -5.64 13.83
C THR B 186 -11.15 -5.21 13.47
N LEU B 187 -11.02 -4.54 12.33
CA LEU B 187 -9.73 -4.07 11.89
C LEU B 187 -9.14 -3.13 12.94
N VAL B 188 -9.96 -2.22 13.47
CA VAL B 188 -9.49 -1.29 14.50
C VAL B 188 -8.92 -2.08 15.69
N ARG B 189 -9.53 -3.23 15.98
CA ARG B 189 -9.10 -4.05 17.11
C ARG B 189 -7.80 -4.81 16.82
N LEU B 190 -7.64 -5.30 15.59
CA LEU B 190 -6.43 -6.01 15.23
C LEU B 190 -5.24 -5.05 15.23
N LEU B 191 -5.50 -3.79 14.94
CA LEU B 191 -4.46 -2.77 14.89
C LEU B 191 -3.84 -2.51 16.26
N HIS B 192 -4.48 -3.03 17.31
CA HIS B 192 -3.98 -2.87 18.67
C HIS B 192 -3.43 -4.18 19.25
N HIS B 193 -3.22 -5.16 18.38
CA HIS B 193 -2.69 -6.45 18.77
C HIS B 193 -1.15 -6.39 18.73
N ASN B 194 -0.53 -7.06 19.70
CA ASN B 194 0.93 -7.07 19.84
C ASN B 194 1.78 -7.81 18.79
N ASP B 195 1.19 -8.69 18.00
CA ASP B 195 1.98 -9.42 17.00
C ASP B 195 2.34 -8.58 15.78
N PRO B 196 3.64 -8.44 15.49
CA PRO B 196 4.08 -7.65 14.33
C PRO B 196 3.48 -8.02 12.97
N GLU B 197 3.21 -9.30 12.72
CA GLU B 197 2.60 -9.66 11.43
C GLU B 197 1.16 -9.15 11.38
N VAL B 198 0.44 -9.33 12.48
CA VAL B 198 -0.94 -8.90 12.53
C VAL B 198 -1.00 -7.40 12.33
N LEU B 199 -0.05 -6.69 12.92
CA LEU B 199 -0.01 -5.23 12.82
C LEU B 199 0.31 -4.83 11.38
N ALA B 200 1.24 -5.52 10.75
CA ALA B 200 1.59 -5.22 9.36
C ALA B 200 0.39 -5.36 8.43
N ASP B 201 -0.28 -6.51 8.50
CA ASP B 201 -1.43 -6.76 7.65
C ASP B 201 -2.62 -5.87 7.99
N SER B 202 -2.74 -5.44 9.23
CA SER B 202 -3.82 -4.54 9.61
C SER B 202 -3.52 -3.20 8.95
N CYS B 203 -2.27 -2.75 9.05
CA CYS B 203 -1.87 -1.49 8.43
C CYS B 203 -2.09 -1.54 6.92
N TRP B 204 -1.77 -2.67 6.29
CA TRP B 204 -1.96 -2.82 4.86
C TRP B 204 -3.42 -2.65 4.50
N ALA B 205 -4.28 -3.28 5.29
CA ALA B 205 -5.72 -3.17 5.09
C ALA B 205 -6.13 -1.70 5.16
N ILE B 206 -5.75 -1.01 6.24
CA ILE B 206 -6.08 0.41 6.38
C ILE B 206 -5.46 1.16 5.19
N SER B 207 -4.29 0.71 4.76
CA SER B 207 -3.63 1.33 3.63
C SER B 207 -4.50 1.24 2.37
N TYR B 208 -5.14 0.10 2.17
CA TYR B 208 -5.99 -0.07 0.99
C TYR B 208 -7.27 0.76 1.10
N LEU B 209 -7.86 0.80 2.29
CA LEU B 209 -9.10 1.52 2.50
C LEU B 209 -8.96 3.03 2.40
N THR B 210 -7.77 3.56 2.67
CA THR B 210 -7.52 5.00 2.60
C THR B 210 -7.04 5.42 1.21
N ASP B 211 -6.89 4.46 0.32
CA ASP B 211 -6.44 4.71 -1.04
C ASP B 211 -7.67 4.92 -1.93
N GLY B 212 -8.07 6.18 -2.07
CA GLY B 212 -9.23 6.48 -2.90
C GLY B 212 -9.82 7.86 -2.63
N PRO B 213 -11.13 8.04 -2.88
CA PRO B 213 -11.81 9.32 -2.66
C PRO B 213 -11.78 9.67 -1.17
N ASN B 214 -11.95 10.95 -0.86
CA ASN B 214 -11.93 11.40 0.52
C ASN B 214 -13.03 10.81 1.41
N GLU B 215 -14.13 10.34 0.80
CA GLU B 215 -15.21 9.74 1.56
C GLU B 215 -14.72 8.41 2.13
N ARG B 216 -13.85 7.75 1.38
CA ARG B 216 -13.27 6.47 1.77
C ARG B 216 -12.35 6.71 2.98
N ILE B 217 -11.47 7.70 2.84
CA ILE B 217 -10.54 8.08 3.89
C ILE B 217 -11.34 8.43 5.15
N GLU B 218 -12.42 9.16 4.95
CA GLU B 218 -13.28 9.59 6.05
C GLU B 218 -13.80 8.47 6.94
N MET B 219 -14.30 7.39 6.34
CA MET B 219 -14.84 6.31 7.14
C MET B 219 -13.75 5.62 7.97
N VAL B 220 -12.50 5.77 7.55
CA VAL B 220 -11.39 5.19 8.31
C VAL B 220 -10.98 6.17 9.40
N VAL B 221 -10.74 7.42 9.02
CA VAL B 221 -10.34 8.45 9.99
C VAL B 221 -11.41 8.57 11.09
N LYS B 222 -12.68 8.50 10.68
CA LYS B 222 -13.81 8.60 11.59
C LYS B 222 -13.72 7.56 12.70
N LYS B 223 -13.02 6.46 12.43
CA LYS B 223 -12.86 5.37 13.39
C LYS B 223 -11.81 5.65 14.46
N GLY B 224 -11.13 6.80 14.34
CA GLY B 224 -10.13 7.21 15.32
C GLY B 224 -8.82 6.44 15.36
N VAL B 225 -8.41 5.91 14.22
CA VAL B 225 -7.17 5.12 14.14
C VAL B 225 -5.90 5.93 13.84
N VAL B 226 -6.05 7.19 13.45
CA VAL B 226 -4.86 7.99 13.11
C VAL B 226 -3.78 7.96 14.18
N PRO B 227 -4.15 8.11 15.46
CA PRO B 227 -3.13 8.08 16.51
C PRO B 227 -2.36 6.75 16.52
N GLN B 228 -3.07 5.63 16.42
CA GLN B 228 -2.44 4.31 16.42
C GLN B 228 -1.54 4.12 15.20
N LEU B 229 -1.96 4.69 14.07
CA LEU B 229 -1.15 4.61 12.85
C LEU B 229 0.11 5.43 13.03
N VAL B 230 0.01 6.54 13.75
CA VAL B 230 1.19 7.37 13.97
C VAL B 230 2.17 6.62 14.86
N LYS B 231 1.63 5.94 15.87
CA LYS B 231 2.47 5.18 16.78
C LYS B 231 3.18 4.06 16.00
N LEU B 232 2.45 3.35 15.14
CA LEU B 232 3.05 2.28 14.36
C LEU B 232 4.03 2.87 13.34
N LEU B 233 3.90 4.16 13.08
CA LEU B 233 4.78 4.85 12.14
C LEU B 233 6.18 4.88 12.75
N GLY B 234 6.23 4.86 14.08
CA GLY B 234 7.51 4.89 14.76
C GLY B 234 7.99 3.50 15.14
N ALA B 235 7.45 2.47 14.53
CA ALA B 235 7.86 1.10 14.85
C ALA B 235 9.27 0.83 14.33
N THR B 236 9.94 -0.13 14.96
CA THR B 236 11.30 -0.49 14.56
C THR B 236 11.27 -1.51 13.43
N GLU B 237 10.14 -2.19 13.26
CA GLU B 237 10.00 -3.20 12.20
C GLU B 237 9.56 -2.60 10.86
N LEU B 238 10.44 -2.68 9.87
CA LEU B 238 10.17 -2.14 8.54
C LEU B 238 8.88 -2.66 7.90
N PRO B 239 8.52 -3.93 8.16
CA PRO B 239 7.28 -4.47 7.57
C PRO B 239 6.03 -3.83 8.18
N ILE B 240 6.21 -3.03 9.21
CA ILE B 240 5.09 -2.34 9.85
C ILE B 240 5.12 -0.89 9.41
N VAL B 241 6.31 -0.28 9.49
CA VAL B 241 6.49 1.12 9.10
C VAL B 241 6.07 1.35 7.65
N THR B 242 6.45 0.46 6.76
CA THR B 242 6.10 0.63 5.34
C THR B 242 4.61 0.80 5.07
N PRO B 243 3.77 -0.14 5.55
CA PRO B 243 2.34 0.02 5.28
C PRO B 243 1.71 1.18 6.06
N ALA B 244 2.15 1.35 7.31
CA ALA B 244 1.63 2.42 8.17
C ALA B 244 1.89 3.77 7.53
N LEU B 245 3.10 3.95 7.00
CA LEU B 245 3.47 5.21 6.34
C LEU B 245 2.62 5.42 5.10
N ARG B 246 2.33 4.33 4.40
CA ARG B 246 1.52 4.43 3.19
C ARG B 246 0.11 4.88 3.55
N ALA B 247 -0.41 4.40 4.68
CA ALA B 247 -1.74 4.80 5.11
C ALA B 247 -1.77 6.26 5.50
N ILE B 248 -0.78 6.70 6.31
CA ILE B 248 -0.71 8.09 6.73
C ILE B 248 -0.59 8.97 5.49
N GLY B 249 0.21 8.51 4.52
CA GLY B 249 0.40 9.26 3.30
C GLY B 249 -0.90 9.42 2.52
N ASN B 250 -1.69 8.36 2.47
CA ASN B 250 -2.97 8.38 1.76
C ASN B 250 -3.94 9.35 2.44
N ILE B 251 -3.96 9.31 3.76
CA ILE B 251 -4.84 10.17 4.54
C ILE B 251 -4.62 11.65 4.29
N VAL B 252 -3.38 12.06 4.07
CA VAL B 252 -3.06 13.47 3.83
C VAL B 252 -3.29 13.91 2.38
N THR B 253 -3.89 13.04 1.56
CA THR B 253 -4.18 13.41 0.18
C THR B 253 -5.64 13.86 0.17
N GLY B 254 -6.27 13.83 1.35
CA GLY B 254 -7.66 14.23 1.48
C GLY B 254 -7.86 15.68 1.90
N THR B 255 -9.01 15.95 2.51
CA THR B 255 -9.33 17.31 2.94
C THR B 255 -8.30 17.81 3.94
N ASP B 256 -8.22 19.13 4.09
CA ASP B 256 -7.28 19.73 5.04
C ASP B 256 -7.57 19.24 6.46
N GLU B 257 -8.86 19.06 6.78
CA GLU B 257 -9.24 18.60 8.10
C GLU B 257 -8.77 17.17 8.37
N GLN B 258 -8.79 16.32 7.34
CA GLN B 258 -8.32 14.94 7.52
C GLN B 258 -6.80 14.99 7.73
N THR B 259 -6.14 15.90 7.02
CA THR B 259 -4.71 16.08 7.15
C THR B 259 -4.36 16.57 8.57
N GLN B 260 -5.17 17.47 9.11
CA GLN B 260 -4.93 18.02 10.45
C GLN B 260 -4.96 16.93 11.51
N LYS B 261 -5.68 15.86 11.23
CA LYS B 261 -5.77 14.73 12.15
C LYS B 261 -4.40 14.06 12.34
N VAL B 262 -3.63 13.91 11.26
CA VAL B 262 -2.33 13.25 11.38
C VAL B 262 -1.35 14.19 12.06
N ILE B 263 -1.50 15.49 11.83
CA ILE B 263 -0.63 16.46 12.45
C ILE B 263 -0.93 16.50 13.96
N ASP B 264 -2.20 16.56 14.31
CA ASP B 264 -2.58 16.59 15.72
C ASP B 264 -2.07 15.35 16.44
N ALA B 265 -2.08 14.21 15.74
CA ALA B 265 -1.62 12.96 16.33
C ALA B 265 -0.09 12.92 16.50
N GLY B 266 0.58 14.01 16.13
CA GLY B 266 2.02 14.10 16.27
C GLY B 266 2.88 13.38 15.25
N ALA B 267 2.36 13.17 14.05
CA ALA B 267 3.11 12.46 13.02
C ALA B 267 4.36 13.19 12.55
N LEU B 268 4.33 14.51 12.56
CA LEU B 268 5.49 15.26 12.08
C LEU B 268 6.77 15.01 12.89
N ALA B 269 6.63 14.59 14.15
CA ALA B 269 7.81 14.36 14.98
C ALA B 269 8.62 13.13 14.56
N VAL B 270 8.04 12.29 13.71
CA VAL B 270 8.72 11.07 13.26
C VAL B 270 9.43 11.25 11.92
N PHE B 271 9.18 12.37 11.25
CA PHE B 271 9.77 12.59 9.94
C PHE B 271 11.26 12.86 9.82
N PRO B 272 11.88 13.44 10.86
CA PRO B 272 13.33 13.68 10.73
C PRO B 272 13.99 12.32 10.45
N SER B 273 13.42 11.29 11.05
CA SER B 273 13.91 9.94 10.90
C SER B 273 13.57 9.34 9.52
N LEU B 274 12.30 9.44 9.16
CA LEU B 274 11.79 8.93 7.89
C LEU B 274 12.41 9.59 6.67
N LEU B 275 12.67 10.90 6.75
CA LEU B 275 13.25 11.62 5.64
C LEU B 275 14.72 11.32 5.43
N THR B 276 15.32 10.55 6.34
CA THR B 276 16.73 10.18 6.24
C THR B 276 16.84 8.67 6.43
N ASN B 277 15.70 8.00 6.34
CA ASN B 277 15.64 6.57 6.51
C ASN B 277 16.54 5.84 5.51
N PRO B 278 17.17 4.73 5.95
CA PRO B 278 18.06 3.93 5.11
C PRO B 278 17.37 3.26 3.92
N LYS B 279 16.11 2.88 4.11
CA LYS B 279 15.37 2.22 3.03
C LYS B 279 14.80 3.27 2.09
N THR B 280 15.42 3.40 0.93
CA THR B 280 15.03 4.38 -0.08
C THR B 280 13.52 4.53 -0.29
N ASN B 281 12.80 3.41 -0.24
CA ASN B 281 11.35 3.42 -0.39
C ASN B 281 10.67 4.23 0.72
N ILE B 282 11.08 4.00 1.97
CA ILE B 282 10.48 4.71 3.11
C ILE B 282 10.76 6.21 3.00
N GLN B 283 11.88 6.54 2.38
CA GLN B 283 12.29 7.93 2.21
C GLN B 283 11.50 8.58 1.08
N LYS B 284 11.14 7.79 0.08
CA LYS B 284 10.37 8.27 -1.06
C LYS B 284 8.92 8.53 -0.65
N GLU B 285 8.36 7.59 0.10
CA GLU B 285 6.98 7.68 0.58
C GLU B 285 6.81 8.84 1.54
N ALA B 286 7.80 9.02 2.40
CA ALA B 286 7.78 10.07 3.39
C ALA B 286 7.84 11.45 2.75
N THR B 287 8.69 11.60 1.73
CA THR B 287 8.81 12.89 1.07
C THR B 287 7.53 13.21 0.31
N TRP B 288 6.92 12.18 -0.27
CA TRP B 288 5.66 12.32 -0.99
C TRP B 288 4.58 12.75 0.01
N THR B 289 4.62 12.17 1.20
CA THR B 289 3.67 12.52 2.25
C THR B 289 3.87 14.01 2.59
N MET B 290 5.12 14.43 2.74
CA MET B 290 5.43 15.82 3.06
C MET B 290 4.88 16.77 1.99
N SER B 291 5.03 16.39 0.72
CA SER B 291 4.56 17.24 -0.38
C SER B 291 3.06 17.51 -0.30
N ASN B 292 2.29 16.55 0.23
CA ASN B 292 0.85 16.73 0.37
C ASN B 292 0.50 17.55 1.60
N ILE B 293 1.39 17.59 2.58
CA ILE B 293 1.13 18.37 3.78
C ILE B 293 1.49 19.82 3.46
N THR B 294 2.54 20.04 2.66
CA THR B 294 2.92 21.38 2.28
C THR B 294 1.93 21.90 1.24
N ALA B 295 1.01 21.04 0.84
CA ALA B 295 -0.01 21.41 -0.13
C ALA B 295 -1.25 21.82 0.63
N GLY B 296 -1.12 21.91 1.96
CA GLY B 296 -2.25 22.28 2.80
C GLY B 296 -2.30 23.74 3.22
N ARG B 297 -2.93 24.00 4.35
CA ARG B 297 -3.07 25.36 4.86
C ARG B 297 -1.74 25.95 5.35
N GLN B 298 -1.70 27.29 5.40
CA GLN B 298 -0.52 28.00 5.86
C GLN B 298 -0.17 27.59 7.29
N ASP B 299 -1.19 27.37 8.11
CA ASP B 299 -0.96 26.97 9.49
C ASP B 299 -0.44 25.53 9.55
N GLN B 300 -0.66 24.77 8.48
CA GLN B 300 -0.16 23.39 8.45
C GLN B 300 1.27 23.43 7.89
N ILE B 301 1.52 24.37 6.99
CA ILE B 301 2.85 24.54 6.43
C ILE B 301 3.73 25.04 7.59
N GLN B 302 3.12 25.86 8.45
CA GLN B 302 3.81 26.41 9.62
C GLN B 302 4.21 25.30 10.60
N GLN B 303 3.39 24.25 10.66
CA GLN B 303 3.69 23.13 11.55
C GLN B 303 4.90 22.42 10.99
N VAL B 304 4.97 22.34 9.67
CA VAL B 304 6.10 21.70 9.01
C VAL B 304 7.33 22.50 9.41
N VAL B 305 7.20 23.82 9.42
CA VAL B 305 8.29 24.68 9.80
C VAL B 305 8.70 24.53 11.28
N ASN B 306 7.72 24.54 12.18
CA ASN B 306 8.01 24.41 13.61
C ASN B 306 8.75 23.12 13.97
N HIS B 307 8.41 22.03 13.30
CA HIS B 307 9.07 20.77 13.59
C HIS B 307 10.45 20.67 12.95
N GLY B 308 10.89 21.76 12.34
CA GLY B 308 12.19 21.78 11.69
C GLY B 308 12.34 20.83 10.52
N LEU B 309 11.25 20.55 9.82
CA LEU B 309 11.29 19.64 8.68
C LEU B 309 11.75 20.26 7.37
N VAL B 310 11.89 21.59 7.34
CA VAL B 310 12.31 22.22 6.11
C VAL B 310 13.77 21.89 5.80
N PRO B 311 14.66 21.94 6.81
CA PRO B 311 16.04 21.61 6.50
C PRO B 311 16.16 20.17 6.01
N PHE B 312 15.20 19.33 6.39
CA PHE B 312 15.21 17.93 5.96
C PHE B 312 14.79 17.82 4.50
N LEU B 313 13.88 18.71 4.08
CA LEU B 313 13.43 18.71 2.69
C LEU B 313 14.60 19.20 1.86
N VAL B 314 15.29 20.23 2.35
CA VAL B 314 16.47 20.75 1.66
C VAL B 314 17.44 19.57 1.56
N GLY B 315 17.53 18.81 2.65
CA GLY B 315 18.41 17.64 2.67
C GLY B 315 18.04 16.63 1.60
N VAL B 316 16.77 16.28 1.51
CA VAL B 316 16.32 15.31 0.50
C VAL B 316 16.49 15.87 -0.91
N LEU B 317 16.16 17.14 -1.10
CA LEU B 317 16.31 17.75 -2.42
C LEU B 317 17.77 17.75 -2.86
N SER B 318 18.68 17.90 -1.89
CA SER B 318 20.11 17.94 -2.17
C SER B 318 20.73 16.59 -2.54
N LYS B 319 20.39 15.56 -1.79
CA LYS B 319 20.93 14.23 -2.03
C LYS B 319 19.95 13.13 -1.68
N ALA B 320 19.64 12.29 -2.65
CA ALA B 320 18.72 11.19 -2.45
C ALA B 320 18.44 10.52 -3.78
N ASP B 321 17.69 9.42 -3.71
CA ASP B 321 17.31 8.69 -4.91
C ASP B 321 16.61 9.74 -5.78
N PHE B 322 16.72 9.62 -7.11
CA PHE B 322 16.06 10.61 -7.97
C PHE B 322 14.56 10.73 -7.74
N LYS B 323 13.90 9.59 -7.56
CA LYS B 323 12.46 9.60 -7.35
C LYS B 323 12.10 10.32 -6.05
N THR B 324 12.97 10.23 -5.05
CA THR B 324 12.73 10.88 -3.78
C THR B 324 12.92 12.39 -3.99
N GLN B 325 13.90 12.76 -4.80
CA GLN B 325 14.18 14.16 -5.09
C GLN B 325 13.00 14.80 -5.81
N LYS B 326 12.36 14.01 -6.66
CA LYS B 326 11.21 14.48 -7.42
C LYS B 326 10.07 14.83 -6.46
N GLU B 327 9.87 14.00 -5.44
CA GLU B 327 8.82 14.25 -4.46
C GLU B 327 9.21 15.48 -3.65
N ALA B 328 10.51 15.72 -3.52
CA ALA B 328 10.98 16.87 -2.76
C ALA B 328 10.61 18.13 -3.51
N ALA B 329 10.84 18.11 -4.82
CA ALA B 329 10.54 19.24 -5.68
C ALA B 329 9.09 19.63 -5.47
N TRP B 330 8.21 18.65 -5.56
CA TRP B 330 6.78 18.89 -5.37
C TRP B 330 6.52 19.54 -4.02
N ALA B 331 7.05 18.93 -2.97
CA ALA B 331 6.89 19.47 -1.62
C ALA B 331 7.29 20.93 -1.57
N ILE B 332 8.31 21.31 -2.34
CA ILE B 332 8.78 22.68 -2.37
C ILE B 332 7.84 23.58 -3.17
N THR B 333 7.54 23.17 -4.39
CA THR B 333 6.65 23.94 -5.26
C THR B 333 5.28 24.11 -4.61
N ASN B 334 4.84 23.13 -3.81
CA ASN B 334 3.55 23.26 -3.12
C ASN B 334 3.70 24.28 -1.99
N TYR B 335 4.78 24.12 -1.23
CA TYR B 335 5.08 24.99 -0.10
C TYR B 335 5.09 26.45 -0.57
N THR B 336 5.86 26.73 -1.61
CA THR B 336 5.97 28.08 -2.15
C THR B 336 4.68 28.58 -2.76
N SER B 337 3.82 27.66 -3.18
CA SER B 337 2.56 28.05 -3.81
C SER B 337 1.48 28.47 -2.82
N GLY B 338 1.45 27.86 -1.64
CA GLY B 338 0.45 28.21 -0.66
C GLY B 338 0.99 28.88 0.59
N GLY B 339 2.32 28.96 0.70
CA GLY B 339 2.93 29.56 1.88
C GLY B 339 2.92 31.07 1.92
N THR B 340 3.08 31.62 3.11
CA THR B 340 3.10 33.06 3.29
C THR B 340 4.44 33.58 2.81
N VAL B 341 4.55 34.89 2.66
CA VAL B 341 5.80 35.50 2.23
C VAL B 341 6.89 35.15 3.23
N GLU B 342 6.62 35.38 4.51
CA GLU B 342 7.57 35.08 5.58
C GLU B 342 8.02 33.61 5.55
N GLN B 343 7.11 32.72 5.19
CA GLN B 343 7.43 31.29 5.13
C GLN B 343 8.30 30.96 3.93
N ILE B 344 8.10 31.67 2.83
CA ILE B 344 8.91 31.44 1.63
C ILE B 344 10.32 31.98 1.88
N VAL B 345 10.43 33.06 2.65
CA VAL B 345 11.71 33.66 2.99
C VAL B 345 12.51 32.65 3.82
N TYR B 346 11.84 32.04 4.80
CA TYR B 346 12.46 31.05 5.66
C TYR B 346 13.03 29.90 4.82
N LEU B 347 12.22 29.40 3.90
CA LEU B 347 12.63 28.32 3.02
C LEU B 347 13.93 28.68 2.30
N VAL B 348 14.05 29.93 1.88
CA VAL B 348 15.26 30.37 1.19
C VAL B 348 16.42 30.43 2.18
N HIS B 349 16.17 30.95 3.38
CA HIS B 349 17.20 31.03 4.40
C HIS B 349 17.71 29.64 4.76
N CYS B 350 16.89 28.61 4.49
CA CYS B 350 17.31 27.25 4.77
C CYS B 350 18.23 26.66 3.70
N GLY B 351 18.44 27.40 2.61
CA GLY B 351 19.33 26.94 1.56
C GLY B 351 18.69 26.15 0.43
N ILE B 352 17.42 26.43 0.14
CA ILE B 352 16.71 25.72 -0.91
C ILE B 352 17.19 26.02 -2.33
N ILE B 353 17.60 27.27 -2.57
CA ILE B 353 18.04 27.72 -3.88
C ILE B 353 19.08 26.88 -4.63
N GLU B 354 20.18 26.53 -3.98
CA GLU B 354 21.19 25.77 -4.69
C GLU B 354 20.73 24.36 -5.07
N PRO B 355 20.33 23.55 -4.09
CA PRO B 355 19.90 22.19 -4.47
C PRO B 355 18.76 22.21 -5.50
N LEU B 356 17.97 23.27 -5.50
CA LEU B 356 16.86 23.40 -6.43
C LEU B 356 17.38 23.69 -7.84
N MET B 357 18.38 24.56 -7.93
CA MET B 357 18.98 24.91 -9.21
C MET B 357 19.66 23.70 -9.86
N ASN B 358 20.42 22.96 -9.07
CA ASN B 358 21.15 21.81 -9.57
C ASN B 358 20.27 20.73 -10.19
N LEU B 359 19.03 20.63 -9.74
CA LEU B 359 18.12 19.62 -10.27
C LEU B 359 17.64 19.98 -11.67
N LEU B 360 17.89 21.21 -12.08
CA LEU B 360 17.47 21.64 -13.40
C LEU B 360 18.26 20.93 -14.50
N SER B 361 19.37 20.29 -14.10
CA SER B 361 20.21 19.57 -15.05
C SER B 361 19.66 18.16 -15.30
N ALA B 362 18.52 17.85 -14.70
CA ALA B 362 17.92 16.53 -14.84
C ALA B 362 17.20 16.31 -16.17
N LYS B 363 17.25 15.06 -16.63
CA LYS B 363 16.61 14.68 -17.89
C LYS B 363 15.21 14.22 -17.52
N ASP B 364 14.31 15.16 -17.27
CA ASP B 364 12.94 14.85 -16.89
C ASP B 364 12.14 16.15 -16.99
N THR B 365 11.43 16.31 -18.10
CA THR B 365 10.65 17.51 -18.33
C THR B 365 9.67 17.85 -17.22
N LYS B 366 9.19 16.83 -16.50
CA LYS B 366 8.23 17.06 -15.42
C LYS B 366 8.82 17.76 -14.20
N ILE B 367 9.95 17.25 -13.70
CA ILE B 367 10.57 17.87 -12.53
C ILE B 367 11.03 19.29 -12.84
N ILE B 368 11.36 19.54 -14.10
CA ILE B 368 11.81 20.85 -14.53
C ILE B 368 10.68 21.86 -14.47
N GLN B 369 9.48 21.45 -14.88
CA GLN B 369 8.32 22.35 -14.84
C GLN B 369 8.00 22.66 -13.40
N VAL B 370 8.17 21.66 -12.54
CA VAL B 370 7.88 21.78 -11.11
C VAL B 370 8.84 22.76 -10.43
N ILE B 371 10.12 22.66 -10.80
CA ILE B 371 11.14 23.52 -10.22
C ILE B 371 11.01 24.92 -10.76
N LEU B 372 10.94 25.05 -12.09
CA LEU B 372 10.81 26.36 -12.71
C LEU B 372 9.63 27.05 -12.07
N ASP B 373 8.59 26.26 -11.83
CA ASP B 373 7.38 26.77 -11.21
C ASP B 373 7.69 27.39 -9.85
N ALA B 374 8.39 26.64 -9.00
CA ALA B 374 8.74 27.10 -7.67
C ALA B 374 9.60 28.36 -7.70
N ILE B 375 10.55 28.41 -8.63
CA ILE B 375 11.40 29.58 -8.76
C ILE B 375 10.47 30.77 -8.93
N SER B 376 9.51 30.61 -9.85
CA SER B 376 8.54 31.64 -10.12
C SER B 376 7.87 32.10 -8.83
N ASN B 377 7.28 31.17 -8.09
CA ASN B 377 6.61 31.50 -6.83
C ASN B 377 7.52 32.24 -5.86
N ILE B 378 8.80 31.84 -5.82
CA ILE B 378 9.76 32.47 -4.93
C ILE B 378 10.02 33.91 -5.36
N PHE B 379 10.29 34.12 -6.65
CA PHE B 379 10.53 35.47 -7.15
C PHE B 379 9.32 36.32 -6.85
N GLN B 380 8.13 35.75 -7.06
CA GLN B 380 6.89 36.45 -6.79
C GLN B 380 6.83 36.98 -5.36
N ALA B 381 7.38 36.22 -4.42
CA ALA B 381 7.38 36.62 -3.02
C ALA B 381 8.42 37.72 -2.82
N ALA B 382 9.55 37.58 -3.50
CA ALA B 382 10.63 38.57 -3.42
C ALA B 382 10.15 39.86 -4.06
N GLU B 383 9.41 39.71 -5.16
CA GLU B 383 8.87 40.85 -5.87
C GLU B 383 8.02 41.67 -4.91
N LYS B 384 7.39 40.99 -3.95
CA LYS B 384 6.55 41.65 -2.96
C LYS B 384 7.37 42.36 -1.87
N LEU B 385 8.69 42.23 -1.92
CA LEU B 385 9.57 42.86 -0.94
C LEU B 385 10.64 43.71 -1.62
N GLY B 386 10.63 43.74 -2.95
CA GLY B 386 11.61 44.51 -3.68
C GLY B 386 12.97 43.84 -3.55
N GLU B 387 12.95 42.54 -3.29
CA GLU B 387 14.16 41.76 -3.10
C GLU B 387 14.46 40.86 -4.31
N THR B 388 13.77 41.11 -5.42
CA THR B 388 13.97 40.33 -6.64
C THR B 388 15.42 40.26 -7.08
N GLU B 389 16.10 41.39 -7.05
CA GLU B 389 17.50 41.43 -7.46
C GLU B 389 18.34 40.50 -6.59
N LYS B 390 18.21 40.66 -5.27
CA LYS B 390 18.97 39.83 -4.34
C LYS B 390 18.79 38.35 -4.64
N LEU B 391 17.58 37.97 -5.02
CA LEU B 391 17.29 36.58 -5.35
C LEU B 391 17.97 36.22 -6.67
N SER B 392 17.98 37.17 -7.60
CA SER B 392 18.61 36.96 -8.90
C SER B 392 20.07 36.64 -8.67
N ILE B 393 20.72 37.41 -7.80
CA ILE B 393 22.12 37.18 -7.49
C ILE B 393 22.32 35.72 -7.06
N MET B 394 21.65 35.30 -5.99
CA MET B 394 21.77 33.93 -5.49
C MET B 394 21.66 32.89 -6.61
N ILE B 395 20.61 33.02 -7.41
CA ILE B 395 20.40 32.09 -8.51
C ILE B 395 21.52 32.24 -9.54
N GLU B 396 22.04 33.46 -9.62
CA GLU B 396 23.11 33.77 -10.55
C GLU B 396 24.45 33.30 -9.99
N GLU B 397 24.59 33.37 -8.67
CA GLU B 397 25.82 32.98 -7.99
C GLU B 397 26.11 31.48 -7.96
N CYS B 398 25.09 30.64 -7.98
CA CYS B 398 25.30 29.19 -7.92
C CYS B 398 25.03 28.45 -9.22
N GLY B 399 25.28 29.08 -10.36
CA GLY B 399 25.05 28.42 -11.63
C GLY B 399 23.58 28.27 -11.97
N GLY B 400 22.72 28.97 -11.24
CA GLY B 400 21.30 28.88 -11.49
C GLY B 400 20.90 29.41 -12.86
N LEU B 401 21.16 30.69 -13.12
CA LEU B 401 20.83 31.31 -14.39
C LEU B 401 21.43 30.56 -15.57
N ASP B 402 22.63 30.03 -15.35
CA ASP B 402 23.33 29.29 -16.39
C ASP B 402 22.59 28.02 -16.80
N LYS B 403 21.43 27.79 -16.20
CA LYS B 403 20.65 26.59 -16.51
C LYS B 403 19.27 26.99 -17.00
N ILE B 404 18.74 28.09 -16.48
CA ILE B 404 17.43 28.56 -16.91
C ILE B 404 17.62 29.04 -18.34
N GLU B 405 18.74 29.72 -18.59
CA GLU B 405 19.04 30.22 -19.94
C GLU B 405 19.17 29.00 -20.84
N ALA B 406 19.69 27.92 -20.28
CA ALA B 406 19.85 26.67 -21.02
C ALA B 406 18.49 26.07 -21.37
N LEU B 407 17.64 25.93 -20.36
CA LEU B 407 16.30 25.37 -20.56
C LEU B 407 15.50 26.31 -21.47
N GLN B 408 16.03 27.49 -21.69
CA GLN B 408 15.36 28.47 -22.54
C GLN B 408 15.37 27.95 -23.98
N ARG B 409 16.38 27.13 -24.28
CA ARG B 409 16.53 26.53 -25.60
C ARG B 409 15.97 25.11 -25.56
N HIS B 410 15.31 24.79 -24.46
CA HIS B 410 14.70 23.47 -24.27
C HIS B 410 13.70 23.24 -25.39
N GLU B 411 13.14 22.03 -25.45
CA GLU B 411 12.17 21.70 -26.49
C GLU B 411 10.72 21.85 -26.03
N ASN B 412 10.38 21.25 -24.89
CA ASN B 412 9.02 21.32 -24.37
C ASN B 412 8.52 22.74 -24.23
N GLU B 413 7.43 23.03 -24.94
CA GLU B 413 6.81 24.36 -24.92
C GLU B 413 6.62 24.95 -23.53
N SER B 414 6.05 24.18 -22.62
CA SER B 414 5.81 24.66 -21.26
C SER B 414 7.11 25.09 -20.58
N VAL B 415 8.20 24.43 -20.93
CA VAL B 415 9.51 24.72 -20.33
C VAL B 415 10.19 26.00 -20.83
N TYR B 416 10.66 25.98 -22.08
CA TYR B 416 11.34 27.16 -22.62
C TYR B 416 10.53 28.43 -22.39
N LYS B 417 9.21 28.30 -22.37
CA LYS B 417 8.36 29.46 -22.12
C LYS B 417 8.64 29.97 -20.72
N ALA B 418 8.45 29.09 -19.74
CA ALA B 418 8.69 29.43 -18.34
C ALA B 418 10.12 29.96 -18.20
N SER B 419 11.05 29.30 -18.89
CA SER B 419 12.45 29.72 -18.86
C SER B 419 12.58 31.12 -19.42
N LEU B 420 12.23 31.26 -20.70
CA LEU B 420 12.30 32.55 -21.38
C LEU B 420 11.76 33.68 -20.53
N ASN B 421 10.66 33.42 -19.82
CA ASN B 421 10.05 34.44 -18.97
C ASN B 421 10.96 34.85 -17.81
N LEU B 422 11.36 33.88 -16.99
CA LEU B 422 12.21 34.16 -15.84
C LEU B 422 13.47 34.93 -16.23
N ILE B 423 13.97 34.67 -17.43
CA ILE B 423 15.17 35.34 -17.93
C ILE B 423 14.93 36.83 -18.16
N GLU B 424 13.77 37.16 -18.73
CA GLU B 424 13.47 38.54 -19.03
C GLU B 424 12.75 39.29 -17.92
N LYS B 425 11.91 38.59 -17.15
CA LYS B 425 11.19 39.26 -16.09
C LYS B 425 11.97 39.51 -14.80
N TYR B 426 13.12 38.85 -14.65
CA TYR B 426 13.92 39.02 -13.43
C TYR B 426 15.41 39.11 -13.69
N PHE B 427 15.86 38.62 -14.85
CA PHE B 427 17.26 38.67 -15.17
C PHE B 427 17.55 39.58 -16.36
N SER B 428 18.23 39.06 -17.39
CA SER B 428 18.58 40.11 -18.46
C SER B 428 17.66 41.34 -18.54
#